data_2Q8F
#
_entry.id   2Q8F
#
_cell.length_a   98.190
_cell.length_b   98.190
_cell.length_c   110.403
_cell.angle_alpha   90.00
_cell.angle_beta   90.00
_cell.angle_gamma   90.00
#
_symmetry.space_group_name_H-M   'P 41 21 2'
#
loop_
_entity.id
_entity.type
_entity.pdbx_description
1 polymer '[Pyruvate dehydrogenase [lipoamide]] kinase isozyme 1'
2 non-polymer 'POTASSIUM ION'
3 water water
#
_entity_poly.entity_id   1
_entity_poly.type   'polypeptide(L)'
_entity_poly.pdbx_seq_one_letter_code
;SDSGSSPASERGVPGQVDFYARFSPSPLSMKQFLDFGSVNACEKTSFMFLRQELPVRLANIMKEISLLPDNLLRTPSVQL
VQSWYIQSLQELLDFKDKSAEDAKAIYDFTDTVIRIRNRHNDVIPTMAQGVIEYKESFGVDPVTSQNVQYFLDRFYMSRI
SIRMLLNQHSLLFGGKGKGSPSHRKHIGSINPNCNVLEVIKDGYENARRLCDLYYINSPELELEELNAKSPGQPIQVVYV
PSHLYHMVFELFKNAMRATMEHHANRGVYPPIQVHVTLGNEDLTVKMSDRGGGVPLRKIDRLFNYMYSTAPRPRVETSRA
VPLAGFGYGLPISRLYAQYFQGDLKLYSLEGYGTDAVIYIKALSTDSIERLPVYNKAAWKHYNTNHEADDWCVPSREPKD
MTTFRSA
;
_entity_poly.pdbx_strand_id   A
#
loop_
_chem_comp.id
_chem_comp.type
_chem_comp.name
_chem_comp.formula
K non-polymer 'POTASSIUM ION' 'K 1'
#
# COMPACT_ATOMS: atom_id res chain seq x y z
N GLY A 12 -6.91 27.49 15.08
CA GLY A 12 -5.60 27.02 15.66
C GLY A 12 -4.97 25.91 14.82
N VAL A 13 -5.23 24.66 15.19
CA VAL A 13 -4.86 23.49 14.36
C VAL A 13 -5.79 23.37 13.14
N PRO A 14 -7.12 23.56 13.35
CA PRO A 14 -8.06 23.64 12.23
C PRO A 14 -7.64 24.65 11.14
N GLY A 15 -7.21 25.83 11.55
CA GLY A 15 -6.72 26.86 10.63
C GLY A 15 -5.58 26.37 9.77
N GLN A 16 -4.57 25.74 10.38
CA GLN A 16 -3.40 25.25 9.65
C GLN A 16 -3.77 24.17 8.66
N VAL A 17 -4.54 23.18 9.14
CA VAL A 17 -5.08 22.13 8.31
C VAL A 17 -5.89 22.73 7.15
N ASP A 18 -6.80 23.66 7.40
CA ASP A 18 -7.60 24.24 6.32
C ASP A 18 -6.74 24.95 5.26
N PHE A 19 -5.73 25.70 5.70
CA PHE A 19 -4.82 26.43 4.79
C PHE A 19 -4.14 25.46 3.79
N TYR A 20 -3.55 24.40 4.32
CA TYR A 20 -2.78 23.47 3.49
C TYR A 20 -3.61 22.49 2.70
N ALA A 21 -4.82 22.20 3.18
CA ALA A 21 -5.74 21.28 2.51
C ALA A 21 -6.37 21.92 1.27
N ARG A 22 -6.33 23.26 1.20
CA ARG A 22 -6.72 23.96 0.00
C ARG A 22 -5.85 23.58 -1.19
N PHE A 23 -4.58 23.31 -0.94
CA PHE A 23 -3.66 22.91 -2.02
C PHE A 23 -3.84 21.49 -2.47
N SER A 24 -3.49 21.23 -3.73
CA SER A 24 -3.47 19.88 -4.20
C SER A 24 -2.08 19.26 -3.98
N PRO A 25 -2.03 17.99 -3.52
CA PRO A 25 -0.74 17.32 -3.56
C PRO A 25 -0.14 17.39 -4.99
N SER A 26 1.20 17.35 -5.10
CA SER A 26 1.91 17.40 -6.38
C SER A 26 2.59 16.07 -6.65
N PRO A 27 2.02 15.25 -7.56
CA PRO A 27 2.59 13.93 -7.78
C PRO A 27 3.92 14.02 -8.52
N LEU A 28 4.85 13.15 -8.16
CA LEU A 28 6.14 13.05 -8.83
C LEU A 28 6.18 11.78 -9.67
N SER A 29 6.95 11.79 -10.75
CA SER A 29 7.15 10.54 -11.47
C SER A 29 8.35 9.84 -10.85
N MET A 30 8.46 8.54 -11.08
CA MET A 30 9.61 7.75 -10.68
C MET A 30 10.87 8.37 -11.29
N LYS A 31 10.78 8.83 -12.53
CA LYS A 31 11.95 9.48 -13.16
C LYS A 31 12.42 10.72 -12.36
N GLN A 32 11.48 11.52 -11.86
CA GLN A 32 11.80 12.69 -11.03
C GLN A 32 12.39 12.33 -9.66
N PHE A 33 11.88 11.27 -9.04
CA PHE A 33 12.43 10.75 -7.80
C PHE A 33 13.89 10.37 -7.96
N LEU A 34 14.17 9.74 -9.09
CA LEU A 34 15.46 9.22 -9.44
C LEU A 34 16.38 10.35 -9.89
N ASP A 35 15.91 11.17 -10.85
CA ASP A 35 16.65 12.31 -11.36
C ASP A 35 17.15 13.20 -10.23
N PHE A 36 16.31 13.42 -9.22
CA PHE A 36 16.70 14.18 -8.05
C PHE A 36 17.78 13.48 -7.23
N GLY A 37 17.47 12.30 -6.70
CA GLY A 37 18.43 11.51 -5.91
C GLY A 37 19.81 11.31 -6.54
N SER A 38 19.83 10.96 -7.83
CA SER A 38 21.09 10.81 -8.55
C SER A 38 21.40 12.05 -9.38
N CYS A 42 20.73 17.18 -3.87
CA CYS A 42 20.75 18.50 -3.24
C CYS A 42 19.75 18.65 -2.10
N GLU A 43 20.28 18.73 -0.87
CA GLU A 43 19.44 18.75 0.33
C GLU A 43 18.51 19.95 0.42
N LYS A 44 18.97 21.10 -0.10
CA LYS A 44 18.22 22.36 -0.05
C LYS A 44 17.01 22.32 -1.00
N THR A 45 17.19 21.75 -2.19
CA THR A 45 16.12 21.58 -3.17
C THR A 45 15.01 20.69 -2.56
N SER A 46 15.43 19.64 -1.87
CA SER A 46 14.49 18.73 -1.21
C SER A 46 13.69 19.44 -0.12
N PHE A 47 14.39 20.20 0.73
CA PHE A 47 13.79 21.09 1.74
C PHE A 47 12.72 22.02 1.14
N MET A 48 13.07 22.72 0.08
CA MET A 48 12.16 23.66 -0.56
C MET A 48 10.87 22.97 -0.98
N PHE A 49 11.01 21.83 -1.66
CA PHE A 49 9.88 21.02 -2.05
C PHE A 49 9.07 20.51 -0.83
N LEU A 50 9.76 19.91 0.12
CA LEU A 50 9.07 19.16 1.18
C LEU A 50 8.43 20.02 2.27
N ARG A 51 8.99 21.20 2.55
CA ARG A 51 8.39 22.03 3.59
C ARG A 51 7.00 22.53 3.19
N GLN A 52 6.69 22.50 1.90
CA GLN A 52 5.32 22.73 1.41
C GLN A 52 4.59 21.43 1.17
N GLU A 53 5.23 20.47 0.51
CA GLU A 53 4.52 19.25 0.09
C GLU A 53 4.06 18.36 1.24
N LEU A 54 4.90 18.17 2.26
CA LEU A 54 4.50 17.33 3.38
C LEU A 54 3.31 17.92 4.16
N PRO A 55 3.35 19.23 4.55
CA PRO A 55 2.12 19.80 5.12
C PRO A 55 0.91 19.64 4.20
N VAL A 56 1.09 19.88 2.89
CA VAL A 56 -0.04 19.68 1.96
C VAL A 56 -0.62 18.25 2.03
N ARG A 57 0.23 17.23 1.88
CA ARG A 57 -0.24 15.85 1.92
C ARG A 57 -0.87 15.45 3.28
N LEU A 58 -0.26 15.91 4.37
CA LEU A 58 -0.79 15.67 5.73
C LEU A 58 -2.14 16.33 5.90
N ALA A 59 -2.25 17.61 5.54
CA ALA A 59 -3.49 18.35 5.72
C ALA A 59 -4.62 17.83 4.87
N ASN A 60 -4.33 17.41 3.64
CA ASN A 60 -5.40 16.95 2.77
C ASN A 60 -6.02 15.68 3.39
N ILE A 61 -5.20 14.74 3.81
CA ILE A 61 -5.78 13.51 4.41
C ILE A 61 -6.41 13.73 5.81
N MET A 62 -5.87 14.66 6.61
CA MET A 62 -6.44 14.99 7.94
C MET A 62 -7.86 15.49 7.83
N LYS A 63 -8.20 16.21 6.73
CA LYS A 63 -9.60 16.61 6.54
C LYS A 63 -10.58 15.42 6.43
N GLU A 64 -10.13 14.34 5.82
CA GLU A 64 -10.95 13.16 5.61
C GLU A 64 -10.98 12.28 6.87
N ILE A 65 -9.91 12.28 7.64
CA ILE A 65 -9.98 11.63 8.97
C ILE A 65 -11.19 12.22 9.74
N SER A 66 -11.40 13.53 9.67
CA SER A 66 -12.48 14.22 10.40
C SER A 66 -13.89 13.88 9.90
N LEU A 67 -13.96 13.23 8.76
CA LEU A 67 -15.26 12.91 8.20
C LEU A 67 -15.64 11.46 8.50
N LEU A 68 -14.81 10.75 9.25
CA LEU A 68 -15.09 9.34 9.55
C LEU A 68 -16.35 9.24 10.39
N PRO A 69 -17.01 8.07 10.38
CA PRO A 69 -18.10 7.84 11.35
C PRO A 69 -17.58 8.13 12.76
N ASP A 70 -18.39 8.78 13.58
CA ASP A 70 -17.95 9.20 14.90
C ASP A 70 -17.40 8.03 15.77
N ASN A 71 -18.05 6.89 15.69
CA ASN A 71 -17.63 5.73 16.46
C ASN A 71 -16.31 5.13 16.00
N LEU A 72 -15.93 5.40 14.75
CA LEU A 72 -14.59 5.04 14.26
C LEU A 72 -13.53 6.10 14.63
N LEU A 73 -13.86 7.37 14.39
CA LEU A 73 -12.97 8.49 14.71
C LEU A 73 -12.58 8.51 16.21
N ARG A 74 -13.57 8.22 17.06
CA ARG A 74 -13.41 8.19 18.51
C ARG A 74 -12.58 7.05 19.06
N THR A 75 -12.27 6.02 18.28
CA THR A 75 -11.48 4.88 18.79
C THR A 75 -10.10 5.41 19.25
N PRO A 76 -9.52 4.78 20.27
CA PRO A 76 -8.18 5.20 20.71
C PRO A 76 -7.08 5.06 19.63
N SER A 77 -7.15 4.05 18.78
CA SER A 77 -6.20 3.88 17.69
C SER A 77 -6.28 4.98 16.64
N VAL A 78 -7.50 5.37 16.24
CA VAL A 78 -7.65 6.43 15.25
C VAL A 78 -7.25 7.77 15.88
N GLN A 79 -7.68 8.01 17.13
CA GLN A 79 -7.23 9.20 17.84
C GLN A 79 -5.71 9.31 17.96
N LEU A 80 -5.04 8.20 18.18
CA LEU A 80 -3.58 8.22 18.26
C LEU A 80 -2.94 8.58 16.89
N VAL A 81 -3.40 7.94 15.82
CA VAL A 81 -2.91 8.23 14.47
C VAL A 81 -3.10 9.70 14.15
N GLN A 82 -4.31 10.21 14.41
CA GLN A 82 -4.64 11.60 14.21
C GLN A 82 -3.73 12.50 15.04
N SER A 83 -3.40 12.11 16.28
CA SER A 83 -2.51 12.94 17.09
C SER A 83 -1.07 12.99 16.53
N TRP A 84 -0.61 11.87 15.98
CA TRP A 84 0.67 11.83 15.26
C TRP A 84 0.70 12.80 14.07
N TYR A 85 -0.34 12.76 13.25
CA TYR A 85 -0.47 13.66 12.10
C TYR A 85 -0.48 15.12 12.54
N ILE A 86 -1.26 15.45 13.57
CA ILE A 86 -1.30 16.81 14.08
C ILE A 86 0.08 17.31 14.54
N GLN A 87 0.80 16.46 15.26
CA GLN A 87 2.14 16.80 15.78
C GLN A 87 3.18 17.00 14.66
N SER A 88 3.22 16.06 13.72
CA SER A 88 4.07 16.15 12.55
C SER A 88 3.74 17.39 11.69
N LEU A 89 2.45 17.65 11.42
CA LEU A 89 2.03 18.89 10.71
C LEU A 89 2.62 20.13 11.40
N GLN A 90 2.43 20.24 12.72
CA GLN A 90 2.92 21.39 13.49
C GLN A 90 4.43 21.53 13.43
N GLU A 91 5.15 20.43 13.53
CA GLU A 91 6.61 20.44 13.45
C GLU A 91 7.12 20.90 12.09
N LEU A 92 6.46 20.44 11.04
CA LEU A 92 6.81 20.86 9.67
C LEU A 92 6.53 22.34 9.41
N LEU A 93 5.44 22.84 9.97
CA LEU A 93 5.01 24.23 9.78
C LEU A 93 5.88 25.25 10.49
N ASP A 94 6.80 24.77 11.31
CA ASP A 94 7.78 25.63 11.98
C ASP A 94 8.85 26.15 11.02
N PHE A 95 8.90 25.59 9.81
CA PHE A 95 9.95 25.86 8.84
C PHE A 95 9.53 26.79 7.68
N LYS A 96 8.23 27.10 7.61
CA LYS A 96 7.68 27.81 6.45
C LYS A 96 8.34 29.16 6.22
N ASP A 97 8.74 29.81 7.31
CA ASP A 97 9.35 31.12 7.27
C ASP A 97 10.88 31.09 7.34
N LYS A 98 11.45 29.90 7.54
CA LYS A 98 12.91 29.78 7.63
C LYS A 98 13.62 29.99 6.27
N SER A 99 14.92 30.31 6.31
CA SER A 99 15.67 30.55 5.07
C SER A 99 16.45 29.33 4.56
N ALA A 100 15.99 28.98 3.19
CA ALA A 100 16.69 27.93 2.44
C ALA A 100 18.21 28.04 2.59
N GLU A 101 18.69 29.27 2.79
CA GLU A 101 20.13 29.50 2.83
C GLU A 101 20.81 29.34 4.24
N ASP A 102 19.90 29.41 5.33
CA ASP A 102 20.37 29.18 6.73
C ASP A 102 20.52 27.64 6.93
N ALA A 103 21.81 27.18 7.11
CA ALA A 103 22.13 25.70 7.16
C ALA A 103 21.50 24.84 8.31
N LYS A 104 21.34 25.49 9.49
CA LYS A 104 20.66 24.86 10.65
C LYS A 104 19.19 24.51 10.27
N ALA A 105 18.54 25.55 9.63
CA ALA A 105 17.16 25.34 9.17
C ALA A 105 17.13 24.01 8.36
N ILE A 106 18.09 23.86 7.44
CA ILE A 106 18.23 22.64 6.62
C ILE A 106 18.41 21.35 7.44
N TYR A 107 19.44 21.36 8.29
CA TYR A 107 19.73 20.29 9.24
C TYR A 107 18.52 19.85 10.11
N ASP A 108 17.71 20.83 10.58
CA ASP A 108 16.61 20.55 11.49
C ASP A 108 15.43 20.04 10.75
N PHE A 109 15.36 20.45 9.47
CA PHE A 109 14.36 19.90 8.64
C PHE A 109 14.65 18.41 8.50
N THR A 110 15.89 18.05 8.15
CA THR A 110 16.32 16.66 8.00
C THR A 110 16.11 15.85 9.29
N ASP A 111 16.49 16.42 10.44
CA ASP A 111 16.17 15.82 11.75
C ASP A 111 14.66 15.66 12.00
N THR A 112 13.88 16.63 11.52
CA THR A 112 12.43 16.59 11.70
C THR A 112 11.82 15.53 10.79
N VAL A 113 12.39 15.37 9.58
CA VAL A 113 11.94 14.31 8.65
C VAL A 113 12.16 12.90 9.25
N ILE A 114 13.34 12.70 9.85
CA ILE A 114 13.68 11.43 10.52
C ILE A 114 12.75 11.15 11.72
N ARG A 115 12.50 12.16 12.55
CA ARG A 115 11.63 12.00 13.73
C ARG A 115 10.21 11.62 13.32
N ILE A 116 9.69 12.29 12.31
CA ILE A 116 8.34 12.01 11.80
C ILE A 116 8.28 10.59 11.22
N ARG A 117 9.31 10.23 10.47
CA ARG A 117 9.35 8.91 9.86
C ARG A 117 9.22 7.81 10.92
N ASN A 118 10.01 7.94 12.00
CA ASN A 118 9.89 7.06 13.15
C ASN A 118 8.54 7.10 13.86
N ARG A 119 8.04 8.30 14.19
CA ARG A 119 6.73 8.45 14.81
C ARG A 119 5.63 7.68 14.04
N HIS A 120 5.68 7.77 12.70
CA HIS A 120 4.65 7.22 11.83
C HIS A 120 4.88 5.77 11.39
N ASN A 121 5.90 5.12 11.95
CA ASN A 121 6.27 3.75 11.55
C ASN A 121 5.15 2.70 11.59
N ASP A 122 4.23 2.87 12.53
CA ASP A 122 3.21 1.85 12.79
C ASP A 122 1.84 2.37 12.48
N VAL A 123 1.78 3.38 11.58
CA VAL A 123 0.52 3.97 11.21
C VAL A 123 -0.44 2.93 10.58
N ILE A 124 0.06 2.04 9.74
CA ILE A 124 -0.83 1.10 9.05
C ILE A 124 -1.51 0.11 10.00
N PRO A 125 -0.74 -0.62 10.86
CA PRO A 125 -1.45 -1.48 11.82
C PRO A 125 -2.24 -0.75 12.90
N THR A 126 -1.85 0.48 13.25
CA THR A 126 -2.58 1.26 14.25
C THR A 126 -3.95 1.70 13.71
N MET A 127 -3.99 2.20 12.47
CA MET A 127 -5.25 2.44 11.82
C MET A 127 -6.10 1.16 11.68
N ALA A 128 -5.50 0.05 11.27
CA ALA A 128 -6.22 -1.21 11.19
C ALA A 128 -6.80 -1.62 12.58
N GLN A 129 -6.07 -1.37 13.66
CA GLN A 129 -6.58 -1.71 15.02
C GLN A 129 -7.81 -0.83 15.35
N GLY A 130 -7.78 0.40 14.85
CA GLY A 130 -8.90 1.34 14.96
C GLY A 130 -10.18 0.77 14.37
N VAL A 131 -10.06 0.16 13.20
CA VAL A 131 -11.17 -0.49 12.52
C VAL A 131 -11.67 -1.71 13.31
N ILE A 132 -10.75 -2.47 13.91
CA ILE A 132 -11.14 -3.59 14.79
C ILE A 132 -11.96 -3.08 15.98
N GLU A 133 -11.48 -1.99 16.59
CA GLU A 133 -12.13 -1.39 17.77
C GLU A 133 -13.54 -0.92 17.40
N TYR A 134 -13.66 -0.26 16.24
CA TYR A 134 -14.94 0.19 15.69
C TYR A 134 -15.91 -0.98 15.46
N LYS A 135 -15.43 -1.97 14.72
CA LYS A 135 -16.22 -3.15 14.38
C LYS A 135 -16.65 -3.91 15.65
N GLU A 136 -15.69 -4.07 16.58
CA GLU A 136 -15.83 -4.77 17.88
C GLU A 136 -16.92 -4.17 18.77
N SER A 137 -17.02 -2.84 18.78
CA SER A 137 -17.85 -2.10 19.72
C SER A 137 -19.21 -1.60 19.20
N PHE A 138 -19.44 -1.69 17.88
CA PHE A 138 -20.63 -1.05 17.29
C PHE A 138 -21.37 -1.87 16.21
N ASP A 141 -22.65 -1.16 10.67
CA ASP A 141 -23.39 -0.22 9.83
C ASP A 141 -22.99 -0.37 8.37
N PRO A 142 -23.99 -0.56 7.46
CA PRO A 142 -23.79 -0.75 6.01
C PRO A 142 -23.65 0.55 5.21
N VAL A 143 -24.35 1.61 5.64
CA VAL A 143 -24.30 2.92 5.00
C VAL A 143 -22.89 3.55 5.09
N THR A 144 -22.49 3.90 6.31
CA THR A 144 -21.17 4.49 6.56
C THR A 144 -19.98 3.55 6.25
N SER A 145 -20.27 2.28 6.00
CA SER A 145 -19.25 1.26 5.70
C SER A 145 -18.66 1.43 4.29
N GLN A 146 -19.47 2.00 3.40
CA GLN A 146 -18.99 2.49 2.11
C GLN A 146 -18.04 3.66 2.37
N ASN A 147 -18.35 4.49 3.37
CA ASN A 147 -17.44 5.61 3.69
C ASN A 147 -16.13 5.09 4.20
N VAL A 148 -16.16 3.98 4.96
CA VAL A 148 -14.95 3.39 5.48
C VAL A 148 -14.08 2.84 4.37
N GLN A 149 -14.69 2.18 3.38
CA GLN A 149 -13.90 1.61 2.31
C GLN A 149 -13.20 2.76 1.51
N TYR A 150 -13.97 3.80 1.20
CA TYR A 150 -13.48 4.97 0.43
C TYR A 150 -12.33 5.64 1.18
N PHE A 151 -12.54 5.93 2.46
CA PHE A 151 -11.47 6.49 3.26
C PHE A 151 -10.18 5.69 3.33
N LEU A 152 -10.27 4.39 3.59
CA LEU A 152 -9.06 3.63 3.86
C LEU A 152 -8.18 3.45 2.62
N ASP A 153 -8.79 3.26 1.46
CA ASP A 153 -8.00 3.25 0.21
C ASP A 153 -7.22 4.59 0.11
N ARG A 154 -7.89 5.70 0.41
CA ARG A 154 -7.27 7.03 0.26
C ARG A 154 -6.23 7.30 1.36
N PHE A 155 -6.62 7.01 2.58
CA PHE A 155 -5.68 7.09 3.72
C PHE A 155 -4.40 6.26 3.57
N TYR A 156 -4.54 4.99 3.18
CA TYR A 156 -3.38 4.17 2.98
C TYR A 156 -2.54 4.57 1.73
N MET A 157 -3.19 5.01 0.66
CA MET A 157 -2.44 5.50 -0.53
C MET A 157 -1.69 6.78 -0.14
N SER A 158 -2.39 7.69 0.51
CA SER A 158 -1.75 8.88 1.11
C SER A 158 -0.51 8.49 1.95
N ARG A 159 -0.69 7.52 2.85
CA ARG A 159 0.41 7.10 3.72
C ARG A 159 1.58 6.52 2.91
N ILE A 160 1.27 5.72 1.89
CA ILE A 160 2.32 5.18 1.00
C ILE A 160 3.13 6.34 0.37
N SER A 161 2.44 7.39 -0.03
CA SER A 161 3.08 8.54 -0.67
C SER A 161 3.90 9.35 0.30
N ILE A 162 3.36 9.51 1.52
CA ILE A 162 4.07 10.27 2.56
C ILE A 162 5.35 9.55 3.01
N ARG A 163 5.24 8.24 3.16
CA ARG A 163 6.36 7.37 3.53
C ARG A 163 7.46 7.36 2.44
N MET A 164 7.05 7.30 1.17
CA MET A 164 7.97 7.47 0.03
C MET A 164 8.81 8.77 0.17
N LEU A 165 8.14 9.90 0.40
CA LEU A 165 8.85 11.19 0.49
C LEU A 165 9.79 11.20 1.69
N LEU A 166 9.31 10.70 2.83
CA LEU A 166 10.14 10.64 4.05
C LEU A 166 11.33 9.69 3.86
N ASN A 167 11.10 8.51 3.27
CA ASN A 167 12.19 7.57 2.99
C ASN A 167 13.25 8.17 2.04
N GLN A 168 12.82 8.73 0.90
CA GLN A 168 13.77 9.39 -0.02
C GLN A 168 14.63 10.42 0.65
N HIS A 169 14.02 11.39 1.34
CA HIS A 169 14.81 12.43 2.04
C HIS A 169 15.71 11.83 3.13
N SER A 170 15.20 10.87 3.90
CA SER A 170 15.98 10.31 5.01
C SER A 170 17.18 9.48 4.54
N LEU A 171 16.97 8.69 3.49
CA LEU A 171 18.03 7.84 2.93
C LEU A 171 19.09 8.66 2.20
N LEU A 172 18.66 9.68 1.46
CA LEU A 172 19.55 10.56 0.70
C LEU A 172 20.35 11.54 1.55
N PHE A 173 19.77 12.03 2.64
CA PHE A 173 20.37 13.13 3.40
C PHE A 173 20.58 12.83 4.87
N GLY A 174 20.13 11.66 5.31
CA GLY A 174 20.31 11.26 6.71
C GLY A 174 21.57 10.40 6.91
N HIS A 186 21.32 1.99 -5.70
CA HIS A 186 20.04 2.35 -5.05
C HIS A 186 19.98 3.86 -4.82
N ILE A 187 18.85 4.47 -5.17
CA ILE A 187 18.65 5.92 -5.09
C ILE A 187 17.55 6.18 -4.06
N GLY A 188 17.97 6.38 -2.81
CA GLY A 188 17.06 6.28 -1.67
C GLY A 188 16.56 4.86 -1.65
N SER A 189 15.25 4.69 -1.74
CA SER A 189 14.66 3.36 -1.76
C SER A 189 14.41 2.79 -3.17
N ILE A 190 14.76 3.57 -4.21
CA ILE A 190 14.48 3.16 -5.58
C ILE A 190 15.67 2.37 -6.12
N ASN A 191 15.43 1.23 -6.76
CA ASN A 191 16.50 0.50 -7.44
C ASN A 191 16.32 0.67 -8.94
N PRO A 192 17.26 1.40 -9.60
CA PRO A 192 17.09 1.68 -11.04
C PRO A 192 17.15 0.40 -11.86
N ASN A 193 17.66 -0.68 -11.28
CA ASN A 193 17.77 -1.97 -11.96
C ASN A 193 17.19 -3.07 -11.08
N CYS A 194 15.92 -2.94 -10.73
CA CYS A 194 15.30 -3.93 -9.86
C CYS A 194 15.20 -5.29 -10.55
N ASN A 195 15.81 -6.31 -9.94
CA ASN A 195 15.79 -7.65 -10.49
C ASN A 195 14.50 -8.37 -10.06
N VAL A 196 13.53 -8.40 -10.98
CA VAL A 196 12.16 -8.81 -10.71
C VAL A 196 12.08 -10.25 -10.26
N LEU A 197 12.77 -11.16 -10.96
CA LEU A 197 12.62 -12.58 -10.62
C LEU A 197 13.23 -12.88 -9.25
N GLU A 198 14.33 -12.21 -8.93
CA GLU A 198 14.94 -12.28 -7.60
C GLU A 198 13.97 -11.87 -6.48
N VAL A 199 13.27 -10.76 -6.67
CA VAL A 199 12.33 -10.28 -5.66
C VAL A 199 11.20 -11.30 -5.49
N ILE A 200 10.68 -11.82 -6.62
CA ILE A 200 9.65 -12.88 -6.66
C ILE A 200 10.09 -14.12 -5.85
N LYS A 201 11.31 -14.58 -6.09
CA LYS A 201 11.80 -15.77 -5.41
C LYS A 201 11.95 -15.54 -3.88
N ASP A 202 12.31 -14.31 -3.47
CA ASP A 202 12.39 -13.92 -2.06
C ASP A 202 10.99 -13.96 -1.43
N GLY A 203 10.02 -13.37 -2.11
CA GLY A 203 8.60 -13.41 -1.77
C GLY A 203 8.09 -14.83 -1.58
N TYR A 204 8.42 -15.69 -2.55
CA TYR A 204 8.06 -17.11 -2.52
C TYR A 204 8.68 -17.81 -1.30
N GLU A 205 9.97 -17.63 -1.07
CA GLU A 205 10.62 -18.35 -0.01
C GLU A 205 10.10 -17.93 1.37
N ASN A 206 9.86 -16.65 1.58
CA ASN A 206 9.30 -16.21 2.86
C ASN A 206 7.82 -16.62 3.08
N ALA A 207 7.00 -16.57 2.03
CA ALA A 207 5.64 -17.10 2.10
C ALA A 207 5.67 -18.63 2.38
N ARG A 208 6.56 -19.35 1.69
CA ARG A 208 6.65 -20.78 1.80
C ARG A 208 6.98 -21.18 3.25
N ARG A 209 7.82 -20.39 3.89
CA ARG A 209 8.25 -20.65 5.26
C ARG A 209 7.02 -20.61 6.20
N LEU A 210 6.19 -19.60 6.01
CA LEU A 210 4.95 -19.46 6.78
C LEU A 210 3.94 -20.55 6.47
N CYS A 211 3.79 -20.92 5.19
CA CYS A 211 2.98 -22.05 4.80
C CYS A 211 3.40 -23.34 5.47
N ASP A 212 4.71 -23.65 5.43
CA ASP A 212 5.20 -24.87 6.05
C ASP A 212 4.89 -24.85 7.56
N LEU A 213 5.02 -23.69 8.17
CA LEU A 213 4.73 -23.58 9.61
C LEU A 213 3.24 -23.86 9.96
N TYR A 214 2.32 -23.40 9.11
CA TYR A 214 0.88 -23.51 9.38
C TYR A 214 0.27 -24.84 8.87
N TYR A 215 0.60 -25.22 7.64
CA TYR A 215 -0.01 -26.40 7.01
C TYR A 215 0.89 -27.60 6.95
N ILE A 216 2.12 -27.46 7.47
CA ILE A 216 3.09 -28.59 7.56
C ILE A 216 3.46 -29.12 6.15
N ASN A 217 3.24 -28.29 5.14
CA ASN A 217 3.55 -28.66 3.73
C ASN A 217 3.31 -27.38 2.98
N SER A 218 3.73 -27.33 1.71
CA SER A 218 3.58 -26.11 0.87
C SER A 218 3.70 -26.50 -0.61
N PRO A 219 3.10 -25.70 -1.50
CA PRO A 219 3.21 -25.96 -2.94
C PRO A 219 4.59 -25.52 -3.45
N GLU A 220 5.10 -26.17 -4.49
CA GLU A 220 6.35 -25.74 -5.12
C GLU A 220 6.07 -24.49 -5.97
N LEU A 221 7.14 -23.80 -6.40
CA LEU A 221 7.06 -22.68 -7.36
C LEU A 221 7.51 -23.13 -8.75
N GLU A 222 6.74 -22.81 -9.77
CA GLU A 222 7.17 -22.94 -11.16
C GLU A 222 7.19 -21.53 -11.77
N LEU A 223 8.38 -21.06 -12.09
CA LEU A 223 8.58 -19.68 -12.48
C LEU A 223 9.00 -19.64 -13.96
N GLU A 224 8.28 -18.84 -14.76
CA GLU A 224 8.57 -18.66 -16.20
C GLU A 224 8.69 -17.16 -16.54
N GLU A 225 9.61 -16.82 -17.41
CA GLU A 225 9.75 -15.41 -17.83
C GLU A 225 9.82 -15.19 -19.34
N LEU A 226 9.32 -14.03 -19.77
CA LEU A 226 9.50 -13.63 -21.16
C LEU A 226 9.83 -12.15 -21.24
N ASN A 227 11.04 -11.87 -21.66
CA ASN A 227 11.41 -10.50 -21.95
C ASN A 227 11.10 -10.27 -23.42
N ALA A 228 9.88 -9.81 -23.73
CA ALA A 228 9.45 -9.64 -25.11
C ALA A 228 10.20 -8.49 -25.71
N LYS A 229 10.28 -7.41 -24.94
CA LYS A 229 11.11 -6.23 -25.23
C LYS A 229 12.50 -6.56 -25.82
N SER A 230 13.28 -7.42 -25.13
CA SER A 230 14.53 -8.09 -25.68
C SER A 230 14.82 -9.53 -25.16
N PRO A 231 14.42 -10.55 -25.94
CA PRO A 231 14.36 -11.95 -25.48
C PRO A 231 15.65 -12.57 -24.90
N GLY A 232 15.49 -13.35 -23.84
CA GLY A 232 16.63 -13.92 -23.13
C GLY A 232 17.42 -13.00 -22.21
N GLN A 233 17.16 -11.70 -22.23
CA GLN A 233 17.83 -10.76 -21.31
C GLN A 233 17.12 -10.67 -19.94
N PRO A 234 17.88 -10.45 -18.85
CA PRO A 234 17.21 -10.23 -17.57
C PRO A 234 16.12 -9.18 -17.60
N ILE A 235 15.06 -9.43 -16.83
CA ILE A 235 13.97 -8.50 -16.69
C ILE A 235 14.26 -7.58 -15.50
N GLN A 236 14.48 -6.31 -15.80
CA GLN A 236 14.69 -5.30 -14.75
C GLN A 236 13.82 -4.10 -15.01
N VAL A 237 13.42 -3.41 -13.95
CA VAL A 237 12.72 -2.13 -14.09
C VAL A 237 13.23 -1.17 -13.01
N VAL A 238 12.92 0.12 -13.18
CA VAL A 238 13.17 1.13 -12.15
C VAL A 238 11.99 0.97 -11.20
N TYR A 239 12.24 0.61 -9.93
CA TYR A 239 11.14 0.38 -8.99
C TYR A 239 11.59 0.41 -7.53
N VAL A 240 10.64 0.43 -6.60
CA VAL A 240 10.90 0.32 -5.18
C VAL A 240 10.78 -1.18 -4.83
N PRO A 241 11.92 -1.86 -4.61
CA PRO A 241 11.86 -3.31 -4.45
C PRO A 241 10.93 -3.78 -3.32
N SER A 242 10.88 -3.03 -2.22
CA SER A 242 10.05 -3.42 -1.07
C SER A 242 8.57 -3.35 -1.43
N HIS A 243 8.20 -2.49 -2.38
CA HIS A 243 6.82 -2.44 -2.84
C HIS A 243 6.49 -3.69 -3.62
N LEU A 244 7.37 -4.02 -4.58
CA LEU A 244 7.19 -5.25 -5.36
C LEU A 244 7.20 -6.50 -4.43
N TYR A 245 8.10 -6.51 -3.46
CA TYR A 245 8.17 -7.65 -2.52
C TYR A 245 6.83 -7.81 -1.78
N HIS A 246 6.32 -6.71 -1.25
CA HIS A 246 5.04 -6.74 -0.49
C HIS A 246 3.94 -7.36 -1.33
N MET A 247 3.76 -6.86 -2.56
CA MET A 247 2.77 -7.42 -3.44
C MET A 247 2.93 -8.91 -3.69
N VAL A 248 4.14 -9.34 -4.05
CA VAL A 248 4.25 -10.76 -4.41
C VAL A 248 4.15 -11.64 -3.15
N PHE A 249 4.74 -11.22 -2.05
CA PHE A 249 4.69 -12.00 -0.81
C PHE A 249 3.23 -12.13 -0.39
N GLU A 250 2.45 -11.05 -0.43
CA GLU A 250 1.03 -11.18 -0.06
C GLU A 250 0.24 -12.07 -1.00
N LEU A 251 0.49 -11.96 -2.31
CA LEU A 251 -0.23 -12.84 -3.22
C LEU A 251 0.14 -14.32 -3.05
N PHE A 252 1.42 -14.62 -2.82
CA PHE A 252 1.88 -15.99 -2.54
C PHE A 252 1.16 -16.57 -1.32
N LYS A 253 1.05 -15.78 -0.25
CA LYS A 253 0.31 -16.23 0.94
C LYS A 253 -1.13 -16.59 0.59
N ASN A 254 -1.76 -15.76 -0.25
CA ASN A 254 -3.13 -15.95 -0.65
C ASN A 254 -3.26 -17.19 -1.52
N ALA A 255 -2.30 -17.37 -2.44
CA ALA A 255 -2.30 -18.55 -3.30
C ALA A 255 -2.08 -19.87 -2.54
N MET A 256 -1.15 -19.83 -1.61
CA MET A 256 -0.78 -20.96 -0.77
C MET A 256 -1.91 -21.39 0.16
N ARG A 257 -2.52 -20.43 0.86
CA ARG A 257 -3.70 -20.70 1.71
C ARG A 257 -4.75 -21.45 0.92
N ALA A 258 -5.17 -20.89 -0.22
CA ALA A 258 -6.24 -21.51 -1.01
C ALA A 258 -5.85 -22.93 -1.44
N THR A 259 -4.57 -23.10 -1.82
CA THR A 259 -4.10 -24.40 -2.31
C THR A 259 -4.09 -25.44 -1.21
N MET A 260 -3.57 -25.06 -0.03
CA MET A 260 -3.47 -26.00 1.11
C MET A 260 -4.86 -26.36 1.67
N GLU A 261 -5.79 -25.41 1.69
CA GLU A 261 -7.13 -25.72 2.17
C GLU A 261 -7.94 -26.52 1.20
N HIS A 262 -7.72 -26.27 -0.10
CA HIS A 262 -8.51 -26.97 -1.12
C HIS A 262 -8.10 -28.42 -1.27
N HIS A 263 -6.81 -28.69 -1.27
CA HIS A 263 -6.33 -30.03 -1.59
C HIS A 263 -5.96 -30.86 -0.33
N ALA A 264 -6.34 -30.34 0.84
CA ALA A 264 -6.01 -30.92 2.15
C ALA A 264 -6.38 -32.40 2.27
N ASN A 265 -7.49 -32.80 1.64
CA ASN A 265 -7.91 -34.21 1.65
C ASN A 265 -6.97 -35.11 0.83
N ARG A 266 -6.58 -34.63 -0.36
CA ARG A 266 -5.72 -35.36 -1.30
C ARG A 266 -4.28 -35.51 -0.79
N GLY A 267 -3.73 -34.45 -0.20
CA GLY A 267 -2.35 -34.48 0.32
C GLY A 267 -1.29 -34.36 -0.76
N VAL A 268 -1.75 -33.96 -1.95
CA VAL A 268 -0.92 -33.68 -3.12
C VAL A 268 -1.23 -32.23 -3.50
N TYR A 269 -0.22 -31.35 -3.51
CA TYR A 269 -0.48 -29.91 -3.64
C TYR A 269 0.08 -29.31 -4.93
N PRO A 270 -0.81 -28.84 -5.83
CA PRO A 270 -0.33 -28.33 -7.11
C PRO A 270 0.55 -27.12 -6.89
N PRO A 271 1.57 -26.97 -7.73
CA PRO A 271 2.52 -25.87 -7.55
C PRO A 271 1.83 -24.55 -7.84
N ILE A 272 2.40 -23.45 -7.36
CA ILE A 272 1.98 -22.13 -7.77
C ILE A 272 2.81 -21.75 -9.04
N GLN A 273 2.13 -21.36 -10.11
CA GLN A 273 2.81 -21.01 -11.38
C GLN A 273 2.85 -19.51 -11.58
N VAL A 274 4.05 -18.98 -11.79
CA VAL A 274 4.26 -17.55 -11.89
C VAL A 274 4.84 -17.28 -13.29
N HIS A 275 4.16 -16.42 -14.05
CA HIS A 275 4.67 -16.05 -15.36
C HIS A 275 4.96 -14.56 -15.38
N VAL A 276 6.20 -14.20 -15.69
CA VAL A 276 6.65 -12.79 -15.72
C VAL A 276 6.92 -12.34 -17.18
N THR A 277 6.27 -11.25 -17.60
CA THR A 277 6.43 -10.75 -18.94
C THR A 277 6.83 -9.28 -18.86
N LEU A 278 7.86 -8.93 -19.61
CA LEU A 278 8.17 -7.52 -19.88
C LEU A 278 7.78 -7.13 -21.31
N GLY A 279 6.80 -6.25 -21.43
CA GLY A 279 6.29 -5.83 -22.73
C GLY A 279 6.79 -4.41 -22.98
N ASN A 280 6.37 -3.81 -24.09
CA ASN A 280 6.71 -2.43 -24.45
C ASN A 280 6.33 -1.40 -23.36
N GLU A 281 5.24 -1.66 -22.65
CA GLU A 281 4.65 -0.70 -21.74
C GLU A 281 4.42 -1.29 -20.32
N ASP A 282 4.12 -2.59 -20.26
CA ASP A 282 3.68 -3.26 -19.01
C ASP A 282 4.71 -4.30 -18.59
N LEU A 283 5.12 -4.28 -17.33
CA LEU A 283 5.71 -5.46 -16.72
C LEU A 283 4.54 -6.16 -16.05
N THR A 284 4.33 -7.43 -16.37
CA THR A 284 3.21 -8.14 -15.72
C THR A 284 3.72 -9.39 -14.98
N VAL A 285 3.11 -9.65 -13.84
CA VAL A 285 3.45 -10.83 -13.05
C VAL A 285 2.12 -11.55 -12.84
N LYS A 286 1.93 -12.69 -13.50
CA LYS A 286 0.72 -13.48 -13.32
C LYS A 286 1.01 -14.65 -12.32
N MET A 287 0.18 -14.82 -11.30
CA MET A 287 0.40 -15.90 -10.28
C MET A 287 -0.83 -16.74 -10.29
N SER A 288 -0.67 -18.02 -10.64
CA SER A 288 -1.81 -18.91 -10.84
C SER A 288 -1.80 -20.06 -9.81
N ASP A 289 -2.96 -20.33 -9.22
CA ASP A 289 -3.06 -21.37 -8.22
C ASP A 289 -4.23 -22.26 -8.57
N ARG A 290 -4.18 -23.47 -8.02
CA ARG A 290 -5.29 -24.39 -8.13
C ARG A 290 -5.99 -24.55 -6.76
N GLY A 291 -6.25 -23.42 -6.08
CA GLY A 291 -6.86 -23.42 -4.75
C GLY A 291 -8.38 -23.44 -4.71
N GLY A 292 -9.04 -23.80 -5.81
CA GLY A 292 -10.49 -23.97 -5.76
C GLY A 292 -11.36 -22.77 -6.05
N GLY A 293 -10.74 -21.61 -6.09
CA GLY A 293 -11.38 -20.39 -6.60
C GLY A 293 -12.45 -19.86 -5.68
N VAL A 294 -13.13 -18.81 -6.15
CA VAL A 294 -14.11 -18.07 -5.38
C VAL A 294 -15.13 -17.57 -6.41
N PRO A 295 -16.43 -17.62 -6.10
CA PRO A 295 -17.33 -17.11 -7.10
C PRO A 295 -17.20 -15.60 -7.28
N LEU A 296 -17.60 -15.14 -8.45
CA LEU A 296 -17.45 -13.73 -8.83
C LEU A 296 -18.13 -12.78 -7.84
N ARG A 297 -19.30 -13.17 -7.36
CA ARG A 297 -20.03 -12.42 -6.32
C ARG A 297 -19.14 -12.10 -5.10
N LYS A 298 -18.20 -12.96 -4.74
CA LYS A 298 -17.46 -12.83 -3.47
C LYS A 298 -16.03 -12.36 -3.61
N ILE A 299 -15.50 -12.41 -4.81
CA ILE A 299 -14.06 -12.24 -4.94
C ILE A 299 -13.56 -10.83 -4.52
N ASP A 300 -14.39 -9.80 -4.69
CA ASP A 300 -13.98 -8.45 -4.27
C ASP A 300 -13.86 -8.28 -2.76
N ARG A 301 -14.45 -9.20 -2.01
CA ARG A 301 -14.30 -9.22 -0.57
C ARG A 301 -12.87 -9.23 -0.15
N LEU A 302 -11.99 -9.81 -0.96
CA LEU A 302 -10.60 -9.84 -0.61
C LEU A 302 -9.98 -8.45 -0.56
N PHE A 303 -10.66 -7.44 -1.14
CA PHE A 303 -10.14 -6.05 -1.15
C PHE A 303 -10.95 -5.14 -0.22
N ASN A 304 -11.96 -5.70 0.44
CA ASN A 304 -12.84 -4.92 1.31
C ASN A 304 -12.29 -4.88 2.71
N TYR A 305 -12.01 -3.69 3.23
CA TYR A 305 -11.41 -3.56 4.56
C TYR A 305 -12.30 -4.17 5.65
N MET A 306 -13.60 -3.87 5.63
CA MET A 306 -14.47 -4.30 6.71
C MET A 306 -14.64 -5.82 6.75
N TYR A 307 -14.81 -6.45 5.59
CA TYR A 307 -14.84 -7.89 5.50
C TYR A 307 -13.52 -8.54 5.92
N SER A 308 -12.39 -7.93 5.60
CA SER A 308 -11.17 -8.60 5.97
C SER A 308 -10.56 -8.11 7.26
N THR A 309 -11.37 -7.44 8.08
CA THR A 309 -10.94 -6.93 9.38
C THR A 309 -11.06 -8.04 10.44
N ALA A 310 -9.91 -8.59 10.85
CA ALA A 310 -9.86 -9.67 11.86
C ALA A 310 -8.89 -9.33 12.99
N PRO A 311 -9.27 -9.63 14.27
CA PRO A 311 -8.33 -9.43 15.39
C PRO A 311 -6.94 -10.00 15.13
N ARG A 312 -5.92 -9.28 15.60
CA ARG A 312 -4.56 -9.78 15.55
C ARG A 312 -4.46 -11.08 16.38
N PRO A 313 -3.59 -12.03 15.93
CA PRO A 313 -3.36 -13.20 16.76
C PRO A 313 -2.78 -12.74 18.10
N ARG A 314 -3.01 -13.51 19.16
CA ARG A 314 -2.34 -13.17 20.40
C ARG A 314 -0.81 -13.49 20.34
N VAL A 315 -0.02 -12.64 21.01
CA VAL A 315 1.42 -12.84 21.17
C VAL A 315 1.69 -14.12 21.96
N GLU A 316 0.85 -14.41 22.95
CA GLU A 316 1.12 -15.46 23.92
C GLU A 316 0.74 -16.85 23.40
N THR A 317 1.34 -17.28 22.29
CA THR A 317 1.12 -18.62 21.79
C THR A 317 2.31 -19.04 20.92
N SER A 318 2.59 -20.34 20.91
CA SER A 318 3.54 -20.84 19.91
C SER A 318 2.85 -21.36 18.63
N ARG A 319 1.51 -21.29 18.60
CA ARG A 319 0.73 -21.76 17.44
C ARG A 319 1.01 -20.88 16.23
N ALA A 320 1.20 -21.52 15.06
CA ALA A 320 1.57 -20.84 13.84
C ALA A 320 0.52 -19.83 13.43
N VAL A 321 1.01 -18.74 12.81
CA VAL A 321 0.20 -17.65 12.38
C VAL A 321 -0.42 -18.06 11.04
N PRO A 322 -1.74 -17.84 10.88
CA PRO A 322 -2.44 -18.13 9.64
C PRO A 322 -1.91 -17.28 8.48
N LEU A 323 -2.07 -17.75 7.24
CA LEU A 323 -1.63 -17.01 6.02
C LEU A 323 -2.60 -15.92 5.56
N ALA A 324 -3.82 -15.95 6.06
CA ALA A 324 -4.74 -14.78 5.91
C ALA A 324 -5.15 -14.27 7.30
N GLY A 325 -5.45 -12.97 7.38
CA GLY A 325 -5.93 -12.35 8.62
C GLY A 325 -5.55 -10.90 8.70
N PHE A 326 -5.08 -10.48 9.88
CA PHE A 326 -4.90 -9.08 10.21
C PHE A 326 -3.88 -8.37 9.32
N GLY A 327 -4.23 -7.13 8.95
CA GLY A 327 -3.26 -6.17 8.50
C GLY A 327 -3.43 -5.71 7.06
N TYR A 328 -4.45 -6.24 6.36
CA TYR A 328 -4.91 -5.78 5.03
C TYR A 328 -3.88 -5.95 3.90
N GLY A 329 -3.16 -7.06 3.97
CA GLY A 329 -2.10 -7.36 2.99
C GLY A 329 -2.56 -7.23 1.54
N LEU A 330 -3.73 -7.77 1.23
CA LEU A 330 -4.19 -7.71 -0.13
C LEU A 330 -4.68 -6.32 -0.66
N PRO A 331 -5.61 -5.65 0.07
CA PRO A 331 -5.98 -4.28 -0.38
C PRO A 331 -4.74 -3.36 -0.42
N ILE A 332 -3.81 -3.52 0.51
CA ILE A 332 -2.63 -2.66 0.48
C ILE A 332 -1.64 -3.02 -0.68
N SER A 333 -1.52 -4.30 -1.00
CA SER A 333 -0.78 -4.74 -2.19
C SER A 333 -1.33 -4.03 -3.44
N ARG A 334 -2.65 -4.03 -3.60
CA ARG A 334 -3.26 -3.38 -4.74
C ARG A 334 -2.97 -1.85 -4.78
N LEU A 335 -3.01 -1.18 -3.62
CA LEU A 335 -2.63 0.24 -3.50
C LEU A 335 -1.19 0.44 -3.91
N TYR A 336 -0.28 -0.43 -3.47
CA TYR A 336 1.12 -0.34 -3.95
C TYR A 336 1.22 -0.39 -5.46
N ALA A 337 0.52 -1.32 -6.09
CA ALA A 337 0.51 -1.42 -7.57
C ALA A 337 -0.04 -0.13 -8.21
N GLN A 338 -1.18 0.34 -7.73
CA GLN A 338 -1.81 1.54 -8.26
C GLN A 338 -1.08 2.83 -7.94
N TYR A 339 -0.23 2.82 -6.92
CA TYR A 339 0.47 4.03 -6.48
C TYR A 339 1.31 4.64 -7.64
N PHE A 340 1.91 3.77 -8.45
CA PHE A 340 2.70 4.24 -9.62
C PHE A 340 2.05 3.90 -10.96
N GLN A 341 0.71 3.97 -10.99
CA GLN A 341 -0.11 3.79 -12.20
C GLN A 341 -0.17 2.35 -12.69
N GLY A 342 0.19 1.40 -11.82
CA GLY A 342 -0.02 0.00 -12.12
C GLY A 342 -1.36 -0.47 -11.57
N ASP A 343 -1.50 -1.77 -11.37
CA ASP A 343 -2.77 -2.29 -10.86
C ASP A 343 -2.53 -3.72 -10.42
N LEU A 344 -3.52 -4.29 -9.73
CA LEU A 344 -3.45 -5.66 -9.29
C LEU A 344 -4.85 -6.22 -9.38
N LYS A 345 -5.03 -7.25 -10.21
CA LYS A 345 -6.35 -7.75 -10.46
C LYS A 345 -6.40 -9.26 -10.17
N LEU A 346 -7.58 -9.71 -9.72
CA LEU A 346 -7.78 -11.15 -9.45
C LEU A 346 -8.88 -11.63 -10.34
N TYR A 347 -8.70 -12.81 -10.92
N TYR A 347 -8.70 -12.86 -10.86
CA TYR A 347 -9.85 -13.46 -11.49
CA TYR A 347 -9.66 -13.51 -11.76
C TYR A 347 -9.79 -14.91 -11.16
C TYR A 347 -9.81 -15.01 -11.39
N SER A 348 -10.95 -15.42 -10.85
CA SER A 348 -11.01 -16.76 -10.26
C SER A 348 -12.05 -17.59 -10.96
N LEU A 349 -11.78 -18.88 -11.16
CA LEU A 349 -12.70 -19.79 -11.71
C LEU A 349 -13.17 -20.67 -10.50
N GLU A 350 -14.41 -20.47 -10.07
CA GLU A 350 -14.94 -21.16 -8.90
C GLU A 350 -14.93 -22.65 -9.18
N GLY A 351 -14.26 -23.39 -8.30
CA GLY A 351 -14.23 -24.86 -8.39
C GLY A 351 -12.84 -25.26 -8.85
N TYR A 352 -12.05 -24.30 -9.32
CA TYR A 352 -10.79 -24.65 -9.98
C TYR A 352 -9.55 -23.96 -9.38
N GLY A 353 -9.50 -22.63 -9.46
CA GLY A 353 -8.33 -21.90 -9.04
C GLY A 353 -8.41 -20.42 -9.41
N THR A 354 -7.35 -19.67 -9.13
CA THR A 354 -7.33 -18.21 -9.25
C THR A 354 -6.04 -17.73 -9.92
N ASP A 355 -6.16 -16.69 -10.75
CA ASP A 355 -5.02 -15.94 -11.27
C ASP A 355 -5.01 -14.57 -10.66
N ALA A 356 -3.87 -14.15 -10.16
CA ALA A 356 -3.70 -12.81 -9.66
C ALA A 356 -2.67 -12.17 -10.63
N VAL A 357 -2.95 -10.94 -11.05
CA VAL A 357 -2.03 -10.26 -12.00
C VAL A 357 -1.60 -8.91 -11.43
N ILE A 358 -0.30 -8.73 -11.29
CA ILE A 358 0.28 -7.45 -10.98
C ILE A 358 0.69 -6.80 -12.33
N TYR A 359 0.29 -5.54 -12.49
CA TYR A 359 0.67 -4.74 -13.64
C TYR A 359 1.49 -3.58 -13.13
N ILE A 360 2.72 -3.45 -13.66
CA ILE A 360 3.61 -2.35 -13.36
C ILE A 360 4.02 -1.66 -14.66
N LYS A 361 4.09 -0.32 -14.65
CA LYS A 361 4.59 0.48 -15.80
C LYS A 361 6.06 0.12 -16.05
N ALA A 362 6.37 -0.34 -17.27
CA ALA A 362 7.76 -0.66 -17.61
C ALA A 362 8.66 0.58 -17.65
N LEU A 363 8.07 1.75 -17.88
CA LEU A 363 8.88 2.96 -18.10
C LEU A 363 8.73 3.93 -16.93
N SER A 364 9.86 4.45 -16.46
CA SER A 364 9.88 5.31 -15.29
C SER A 364 9.14 6.65 -15.55
N THR A 365 9.05 7.04 -16.81
CA THR A 365 8.31 8.24 -17.14
C THR A 365 6.77 8.08 -17.07
N ASP A 366 6.29 6.82 -17.15
CA ASP A 366 4.87 6.51 -17.02
C ASP A 366 4.46 6.27 -15.55
N SER A 367 5.45 6.06 -14.71
CA SER A 367 5.26 5.79 -13.28
C SER A 367 5.05 7.04 -12.45
N ILE A 368 3.82 7.50 -12.31
CA ILE A 368 3.56 8.79 -11.68
C ILE A 368 2.73 8.49 -10.45
N GLU A 369 3.04 9.15 -9.32
CA GLU A 369 2.28 8.98 -8.10
C GLU A 369 0.77 9.16 -8.31
N ARG A 370 -0.01 8.24 -7.77
CA ARG A 370 -1.47 8.38 -7.77
C ARG A 370 -1.89 8.85 -6.38
N LEU A 371 -2.35 10.10 -6.27
CA LEU A 371 -2.54 10.74 -4.96
C LEU A 371 -3.94 11.20 -4.77
N PRO A 372 -4.51 10.93 -3.58
CA PRO A 372 -5.84 11.46 -3.28
C PRO A 372 -5.81 12.97 -2.98
N VAL A 373 -6.90 13.70 -3.30
CA VAL A 373 -6.93 15.07 -2.97
C VAL A 373 -8.25 15.40 -2.31
N TYR A 374 -8.16 16.24 -1.27
CA TYR A 374 -9.36 16.73 -0.56
C TYR A 374 -9.94 17.94 -1.21
N ASN A 375 -11.23 17.91 -1.59
CA ASN A 375 -11.89 19.06 -2.18
C ASN A 375 -13.39 18.74 -2.08
N LYS A 376 -14.20 19.53 -2.75
CA LYS A 376 -15.64 19.32 -2.77
C LYS A 376 -16.05 17.95 -3.28
N ALA A 377 -15.35 17.41 -4.27
CA ALA A 377 -15.65 16.05 -4.76
C ALA A 377 -15.40 14.98 -3.67
N ALA A 378 -14.26 15.06 -2.99
CA ALA A 378 -13.98 14.11 -1.88
C ALA A 378 -15.06 14.22 -0.80
N TRP A 379 -15.35 15.43 -0.35
CA TRP A 379 -16.35 15.65 0.66
C TRP A 379 -17.73 15.06 0.29
N LYS A 380 -18.18 15.34 -0.94
CA LYS A 380 -19.46 14.83 -1.43
C LYS A 380 -19.53 13.32 -1.33
N HIS A 381 -18.43 12.61 -1.60
CA HIS A 381 -18.39 11.16 -1.45
C HIS A 381 -18.77 10.66 -0.03
N TYR A 382 -18.32 11.35 1.02
CA TYR A 382 -18.74 11.05 2.41
C TYR A 382 -20.21 11.41 2.70
N ASN A 383 -20.79 12.28 1.88
CA ASN A 383 -22.08 12.93 2.17
C ASN A 383 -23.16 12.75 1.14
N THR A 384 -22.99 11.77 0.25
CA THR A 384 -24.01 11.51 -0.76
C THR A 384 -24.33 10.02 -0.86
N ASN A 385 -25.63 9.72 -0.78
CA ASN A 385 -26.27 8.53 -1.38
C ASN A 385 -27.75 8.32 -1.01
N ALA A 388 -32.53 6.96 -6.93
CA ALA A 388 -32.69 5.73 -7.74
C ALA A 388 -31.52 5.54 -8.73
N ASP A 389 -31.14 4.30 -8.93
CA ASP A 389 -30.12 3.95 -9.86
C ASP A 389 -30.73 3.96 -11.28
N ASP A 390 -29.82 4.00 -12.26
CA ASP A 390 -30.17 4.06 -13.67
C ASP A 390 -30.27 2.65 -14.25
N TRP A 391 -30.02 1.65 -13.39
CA TRP A 391 -30.30 0.25 -13.72
C TRP A 391 -31.29 -0.40 -12.75
N CYS A 392 -32.01 -1.41 -13.21
CA CYS A 392 -32.97 -2.11 -12.31
C CYS A 392 -32.25 -2.94 -11.24
N VAL A 393 -32.75 -2.83 -10.00
CA VAL A 393 -32.35 -3.70 -8.83
C VAL A 393 -32.50 -5.23 -8.98
N PRO A 394 -31.41 -5.99 -8.72
CA PRO A 394 -31.52 -7.45 -8.54
C PRO A 394 -31.42 -7.93 -7.07
K K B . -6.99 20.00 -1.65
#